data_5B1W
#
_entry.id   5B1W
#
_cell.length_a   102.489
_cell.length_b   105.832
_cell.length_c   65.387
_cell.angle_alpha   90.00
_cell.angle_beta   90.00
_cell.angle_gamma   90.00
#
_symmetry.space_group_name_H-M   'P 21 21 2'
#
loop_
_entity.id
_entity.type
_entity.pdbx_description
1 polymer 'C-type lectin domain family 4 member A'
2 non-polymer 'CALCIUM ION'
3 water water
#
_entity_poly.entity_id   1
_entity_poly.type   'polypeptide(L)'
_entity_poly.pdbx_seq_one_letter_code
;GSCPKNWKSFSSNCYFISTESASWQDSEKDCARMEAHLLVINTQEEQDFIFQNLQEESAYFVGLSDPEGQRHWQWVDQTP
YNESSTFWHPREPSDPNERCVVLNFRKSPKRWGWNDVNCLGPQRSVCEMMKIHL
;
_entity_poly.pdbx_strand_id   A,B,C,D
#
loop_
_chem_comp.id
_chem_comp.type
_chem_comp.name
_chem_comp.formula
CA non-polymer 'CALCIUM ION' 'Ca 2'
#
# COMPACT_ATOMS: atom_id res chain seq x y z
N SER A 2 24.18 33.39 2.17
CA SER A 2 25.07 32.50 1.43
C SER A 2 24.28 31.50 0.59
N CYS A 3 23.03 31.23 1.00
CA CYS A 3 22.22 30.24 0.30
C CYS A 3 21.74 30.79 -1.04
N PRO A 4 21.53 29.91 -2.03
CA PRO A 4 21.04 30.37 -3.34
C PRO A 4 19.62 30.91 -3.27
N LYS A 5 19.12 31.40 -4.40
CA LYS A 5 17.77 31.94 -4.46
C LYS A 5 16.75 30.82 -4.25
N ASN A 6 15.68 31.16 -3.50
CA ASN A 6 14.57 30.25 -3.22
C ASN A 6 14.99 29.07 -2.34
N TRP A 7 15.95 29.28 -1.43
CA TRP A 7 16.40 28.25 -0.51
C TRP A 7 16.45 28.84 0.89
N LYS A 8 15.69 28.26 1.82
CA LYS A 8 15.76 28.68 3.20
C LYS A 8 17.11 28.31 3.80
N SER A 9 17.54 29.07 4.81
CA SER A 9 18.85 28.89 5.42
C SER A 9 18.68 28.49 6.88
N PHE A 10 19.43 27.46 7.29
CA PHE A 10 19.45 27.02 8.67
C PHE A 10 20.83 26.44 8.96
N SER A 11 21.38 26.80 10.12
CA SER A 11 22.72 26.37 10.50
C SER A 11 23.72 26.69 9.39
N SER A 12 24.42 25.66 8.92
CA SER A 12 25.36 25.81 7.82
C SER A 12 24.87 25.14 6.54
N ASN A 13 23.60 24.78 6.47
CA ASN A 13 23.03 24.13 5.29
C ASN A 13 21.96 25.02 4.67
N CYS A 14 21.52 24.62 3.48
CA CYS A 14 20.43 25.29 2.77
C CYS A 14 19.38 24.26 2.41
N TYR A 15 18.10 24.65 2.49
CA TYR A 15 16.98 23.74 2.35
C TYR A 15 15.99 24.29 1.33
N PHE A 16 15.54 23.43 0.43
CA PHE A 16 14.57 23.79 -0.60
C PHE A 16 13.24 23.12 -0.29
N ILE A 17 12.17 23.90 -0.25
CA ILE A 17 10.83 23.40 0.01
C ILE A 17 10.10 23.29 -1.32
N SER A 18 9.82 22.06 -1.74
CA SER A 18 9.26 21.82 -3.06
C SER A 18 7.83 22.33 -3.17
N THR A 19 7.46 22.75 -4.37
CA THR A 19 6.07 22.99 -4.74
C THR A 19 5.56 22.00 -5.77
N GLU A 20 6.43 21.53 -6.67
CA GLU A 20 6.08 20.47 -7.60
C GLU A 20 6.12 19.12 -6.88
N SER A 21 5.38 18.15 -7.43
CA SER A 21 5.25 16.84 -6.84
C SER A 21 5.84 15.78 -7.77
N ALA A 22 6.57 14.84 -7.19
CA ALA A 22 7.13 13.72 -7.94
C ALA A 22 7.32 12.54 -6.99
N SER A 23 7.64 11.38 -7.57
CA SER A 23 7.86 10.20 -6.77
C SER A 23 9.11 10.36 -5.90
N TRP A 24 9.29 9.44 -4.96
CA TRP A 24 10.40 9.54 -4.01
C TRP A 24 11.74 9.51 -4.74
N GLN A 25 11.92 8.55 -5.65
CA GLN A 25 13.20 8.43 -6.35
C GLN A 25 13.41 9.60 -7.31
N ASP A 26 12.36 10.03 -8.02
CA ASP A 26 12.50 11.20 -8.87
C ASP A 26 12.73 12.46 -8.04
N SER A 27 12.30 12.47 -6.78
CA SER A 27 12.58 13.60 -5.90
C SER A 27 14.04 13.59 -5.45
N GLU A 28 14.56 12.41 -5.09
CA GLU A 28 15.97 12.31 -4.73
C GLU A 28 16.88 12.63 -5.91
N LYS A 29 16.48 12.19 -7.11
CA LYS A 29 17.25 12.54 -8.30
C LYS A 29 17.26 14.03 -8.54
N ASP A 30 16.15 14.71 -8.25
CA ASP A 30 16.10 16.15 -8.43
C ASP A 30 16.96 16.87 -7.40
N CYS A 31 16.95 16.40 -6.15
CA CYS A 31 17.83 16.98 -5.14
C CYS A 31 19.30 16.78 -5.53
N ALA A 32 19.60 15.65 -6.17
CA ALA A 32 20.97 15.39 -6.61
C ALA A 32 21.36 16.29 -7.78
N ARG A 33 20.41 16.66 -8.63
CA ARG A 33 20.71 17.57 -9.73
C ARG A 33 21.18 18.92 -9.20
N MET A 34 20.60 19.38 -8.10
CA MET A 34 20.95 20.66 -7.49
C MET A 34 22.09 20.53 -6.48
N GLU A 35 22.87 19.45 -6.56
CA GLU A 35 23.96 19.18 -5.63
C GLU A 35 23.47 19.15 -4.18
N ALA A 36 22.50 18.27 -3.94
CA ALA A 36 21.89 18.12 -2.62
C ALA A 36 21.32 16.72 -2.52
N HIS A 37 20.71 16.43 -1.37
CA HIS A 37 20.00 15.18 -1.16
C HIS A 37 18.67 15.49 -0.49
N LEU A 38 17.81 14.47 -0.41
CA LEU A 38 16.57 14.63 0.34
C LEU A 38 16.87 14.91 1.80
N LEU A 39 15.88 15.47 2.50
CA LEU A 39 16.07 15.90 3.87
C LEU A 39 16.52 14.75 4.75
N VAL A 40 17.56 14.99 5.55
CA VAL A 40 18.03 14.06 6.56
C VAL A 40 17.96 14.79 7.90
N ILE A 41 17.05 14.35 8.76
CA ILE A 41 16.76 15.06 10.00
C ILE A 41 17.63 14.49 11.11
N ASN A 42 18.53 15.32 11.64
CA ASN A 42 19.49 14.91 12.67
C ASN A 42 19.13 15.46 14.03
N THR A 43 18.99 16.78 14.17
CA THR A 43 18.64 17.42 15.42
C THR A 43 17.18 17.89 15.40
N GLN A 44 16.61 18.07 16.59
CA GLN A 44 15.24 18.58 16.67
C GLN A 44 15.16 20.03 16.25
N GLU A 45 16.26 20.79 16.42
CA GLU A 45 16.27 22.18 15.94
C GLU A 45 16.12 22.22 14.43
N GLU A 46 16.72 21.27 13.72
CA GLU A 46 16.55 21.19 12.27
C GLU A 46 15.12 20.79 11.92
N GLN A 47 14.52 19.90 12.72
CA GLN A 47 13.18 19.41 12.41
C GLN A 47 12.13 20.49 12.63
N ASP A 48 12.21 21.21 13.75
CA ASP A 48 11.24 22.27 14.01
C ASP A 48 11.38 23.44 13.05
N PHE A 49 12.58 23.65 12.51
CA PHE A 49 12.77 24.74 11.56
C PHE A 49 12.04 24.47 10.25
N ILE A 50 12.02 23.21 9.82
CA ILE A 50 11.43 22.90 8.52
C ILE A 50 9.92 22.72 8.63
N PHE A 51 9.42 22.18 9.75
CA PHE A 51 7.99 22.21 10.00
C PHE A 51 7.43 23.62 9.86
N GLN A 52 8.19 24.62 10.29
CA GLN A 52 7.79 26.02 10.22
C GLN A 52 7.63 26.54 8.80
N ASN A 53 8.18 25.83 7.80
CA ASN A 53 8.22 26.34 6.44
C ASN A 53 7.47 25.46 5.45
N LEU A 54 6.51 24.67 5.92
CA LEU A 54 5.76 23.77 5.06
C LEU A 54 4.32 24.21 4.93
N GLN A 55 3.71 23.87 3.79
CA GLN A 55 2.27 23.95 3.67
C GLN A 55 1.64 22.85 4.53
N GLU A 56 0.85 23.26 5.52
CA GLU A 56 0.21 22.27 6.39
C GLU A 56 -0.71 21.33 5.61
N GLU A 57 -1.14 21.74 4.41
CA GLU A 57 -2.05 20.96 3.59
C GLU A 57 -1.33 20.07 2.58
N SER A 58 -0.01 19.87 2.74
CA SER A 58 0.76 19.08 1.79
C SER A 58 1.77 18.22 2.54
N ALA A 59 2.14 17.11 1.91
CA ALA A 59 3.14 16.19 2.45
C ALA A 59 4.46 16.39 1.72
N TYR A 60 5.56 16.12 2.43
CA TYR A 60 6.90 16.40 1.92
C TYR A 60 7.80 15.19 2.12
N PHE A 61 8.41 14.73 1.03
CA PHE A 61 9.25 13.55 1.05
C PHE A 61 10.55 13.81 1.81
N VAL A 62 11.07 12.76 2.44
CA VAL A 62 12.26 12.84 3.28
C VAL A 62 13.16 11.65 2.94
N GLY A 63 14.47 11.86 3.07
CA GLY A 63 15.44 10.84 2.72
C GLY A 63 15.48 9.63 3.64
N LEU A 64 14.33 9.19 4.13
CA LEU A 64 14.22 8.00 4.95
C LEU A 64 13.32 7.00 4.22
N SER A 65 13.81 5.78 4.06
CA SER A 65 13.08 4.76 3.32
C SER A 65 13.41 3.38 3.87
N ASP A 66 12.50 2.45 3.63
CA ASP A 66 12.66 1.04 3.98
C ASP A 66 12.45 0.27 2.68
N PRO A 67 13.50 0.11 1.86
CA PRO A 67 13.28 -0.41 0.50
C PRO A 67 12.79 -1.85 0.46
N GLU A 68 13.08 -2.65 1.48
CA GLU A 68 12.72 -4.06 1.49
C GLU A 68 11.36 -4.34 2.11
N GLY A 69 10.80 -3.39 2.86
CA GLY A 69 9.62 -3.65 3.63
C GLY A 69 9.86 -4.35 4.94
N GLN A 70 11.12 -4.45 5.37
CA GLN A 70 11.49 -5.11 6.60
C GLN A 70 11.52 -4.17 7.80
N ARG A 71 11.03 -2.94 7.63
CA ARG A 71 11.05 -1.91 8.68
C ARG A 71 12.48 -1.62 9.13
N HIS A 72 13.41 -1.58 8.17
CA HIS A 72 14.79 -1.21 8.40
C HIS A 72 15.02 0.15 7.76
N TRP A 73 14.64 1.20 8.48
CA TRP A 73 14.71 2.55 7.94
C TRP A 73 16.15 3.01 7.80
N GLN A 74 16.44 3.66 6.66
CA GLN A 74 17.79 4.07 6.34
C GLN A 74 17.76 5.50 5.81
N TRP A 75 18.72 6.31 6.24
CA TRP A 75 18.90 7.63 5.68
C TRP A 75 19.71 7.56 4.39
N VAL A 76 19.44 8.50 3.48
CA VAL A 76 20.13 8.49 2.18
C VAL A 76 21.60 8.82 2.35
N ASP A 77 21.95 9.63 3.35
CA ASP A 77 23.36 9.89 3.65
C ASP A 77 23.99 8.81 4.52
N GLN A 78 23.29 7.69 4.71
CA GLN A 78 23.80 6.49 5.38
C GLN A 78 24.18 6.75 6.83
N THR A 79 23.61 7.76 7.45
CA THR A 79 23.83 7.96 8.88
C THR A 79 22.91 7.06 9.69
N PRO A 80 23.29 6.71 10.92
CA PRO A 80 22.49 5.76 11.69
C PRO A 80 21.09 6.28 11.98
N TYR A 81 20.14 5.35 11.94
CA TYR A 81 18.75 5.63 12.31
C TYR A 81 18.59 5.45 13.81
N ASN A 82 18.24 6.53 14.52
CA ASN A 82 18.09 6.52 15.96
C ASN A 82 16.61 6.43 16.30
N GLU A 83 16.18 5.23 16.70
CA GLU A 83 14.75 4.96 16.86
C GLU A 83 14.11 5.89 17.89
N SER A 84 14.80 6.14 19.00
CA SER A 84 14.17 6.86 20.11
C SER A 84 13.97 8.34 19.82
N SER A 85 14.65 8.90 18.81
CA SER A 85 14.55 10.31 18.48
C SER A 85 13.87 10.52 17.12
N THR A 86 12.81 9.77 16.86
CA THR A 86 12.02 9.93 15.65
C THR A 86 10.75 10.72 15.93
N PHE A 87 10.11 11.19 14.86
CA PHE A 87 8.93 12.04 14.94
C PHE A 87 7.72 11.39 14.29
N TRP A 88 7.54 10.09 14.50
CA TRP A 88 6.40 9.39 13.92
C TRP A 88 5.10 9.87 14.56
N HIS A 89 4.05 9.98 13.74
CA HIS A 89 2.71 10.14 14.26
C HIS A 89 2.29 8.87 15.01
N PRO A 90 1.31 8.97 15.90
CA PRO A 90 0.75 7.76 16.51
C PRO A 90 0.27 6.78 15.43
N ARG A 91 0.54 5.50 15.64
CA ARG A 91 0.19 4.37 14.79
C ARG A 91 1.09 4.23 13.57
N GLU A 92 2.05 5.13 13.36
CA GLU A 92 2.93 5.04 12.19
C GLU A 92 4.35 4.66 12.61
N PRO A 93 5.06 3.86 11.79
CA PRO A 93 4.70 3.26 10.48
C PRO A 93 3.49 2.31 10.56
N SER A 94 2.75 2.20 9.46
CA SER A 94 1.48 1.49 9.46
C SER A 94 1.39 0.36 8.45
N ASP A 95 2.12 0.43 7.33
CA ASP A 95 1.94 -0.52 6.25
C ASP A 95 3.31 -0.92 5.72
N PRO A 96 3.62 -2.21 5.63
CA PRO A 96 4.88 -2.63 5.01
C PRO A 96 5.02 -2.23 3.56
N ASN A 97 3.91 -1.93 2.88
CA ASN A 97 3.98 -1.48 1.49
C ASN A 97 4.07 0.04 1.37
N GLU A 98 3.96 0.76 2.47
CA GLU A 98 4.30 2.18 2.52
C GLU A 98 5.74 2.28 2.98
N ARG A 99 6.67 2.40 2.03
CA ARG A 99 8.10 2.31 2.30
C ARG A 99 8.83 3.63 2.14
N CYS A 100 8.11 4.75 2.10
CA CYS A 100 8.71 6.06 1.97
C CYS A 100 8.10 7.01 3.00
N VAL A 101 8.94 7.87 3.58
CA VAL A 101 8.57 8.69 4.72
C VAL A 101 8.26 10.10 4.25
N VAL A 102 7.18 10.68 4.78
CA VAL A 102 6.82 12.07 4.50
C VAL A 102 6.61 12.81 5.82
N LEU A 103 6.79 14.13 5.77
CA LEU A 103 6.34 15.02 6.83
C LEU A 103 4.94 15.50 6.47
N ASN A 104 4.00 15.37 7.41
CA ASN A 104 2.65 15.83 7.13
C ASN A 104 2.00 16.29 8.44
N PHE A 105 1.14 17.28 8.31
CA PHE A 105 0.45 17.87 9.45
C PHE A 105 -0.94 17.25 9.55
N ARG A 106 -1.25 16.66 10.70
CA ARG A 106 -2.57 16.10 10.95
C ARG A 106 -3.37 17.03 11.83
N LYS A 107 -4.69 16.93 11.73
CA LYS A 107 -5.58 17.97 12.21
C LYS A 107 -6.28 17.66 13.53
N SER A 108 -6.22 16.42 14.00
CA SER A 108 -6.96 16.07 15.22
C SER A 108 -6.29 14.97 16.05
N PRO A 109 -5.49 15.37 17.04
CA PRO A 109 -5.15 16.77 17.34
C PRO A 109 -4.05 17.31 16.42
N LYS A 110 -3.92 18.62 16.36
CA LYS A 110 -2.95 19.25 15.47
C LYS A 110 -1.54 18.82 15.83
N ARG A 111 -0.82 18.27 14.86
CA ARG A 111 0.53 17.78 15.11
C ARG A 111 1.29 17.65 13.79
N TRP A 112 2.56 18.04 13.83
CA TRP A 112 3.52 17.71 12.77
C TRP A 112 4.23 16.40 13.11
N GLY A 113 4.45 15.58 12.10
CA GLY A 113 5.13 14.32 12.35
C GLY A 113 5.48 13.61 11.06
N TRP A 114 5.86 12.35 11.20
CA TRP A 114 6.26 11.51 10.07
C TRP A 114 5.17 10.51 9.76
N ASN A 115 5.16 10.04 8.51
CA ASN A 115 4.21 9.04 8.06
C ASN A 115 4.80 8.29 6.88
N ASP A 116 4.58 6.99 6.84
CA ASP A 116 5.02 6.15 5.73
C ASP A 116 3.90 6.07 4.69
N VAL A 117 4.25 6.37 3.44
CA VAL A 117 3.33 6.40 2.32
C VAL A 117 3.94 5.61 1.17
N ASN A 118 3.17 5.47 0.09
CA ASN A 118 3.67 4.81 -1.10
C ASN A 118 4.77 5.65 -1.74
N CYS A 119 5.71 4.96 -2.38
CA CYS A 119 6.88 5.62 -2.95
C CYS A 119 6.64 6.16 -4.34
N LEU A 120 5.79 5.52 -5.15
CA LEU A 120 5.55 6.02 -6.50
C LEU A 120 4.61 7.22 -6.50
N GLY A 121 3.64 7.25 -5.58
CA GLY A 121 2.71 8.36 -5.47
C GLY A 121 3.42 9.67 -5.27
N PRO A 122 3.29 10.58 -6.24
CA PRO A 122 4.04 11.84 -6.19
C PRO A 122 3.65 12.69 -4.98
N GLN A 123 4.66 13.23 -4.31
CA GLN A 123 4.48 14.14 -3.21
C GLN A 123 5.50 15.27 -3.34
N ARG A 124 5.39 16.26 -2.48
CA ARG A 124 6.39 17.31 -2.42
C ARG A 124 7.63 16.76 -1.70
N SER A 125 8.69 17.56 -1.64
CA SER A 125 9.95 17.07 -1.10
C SER A 125 10.72 18.22 -0.47
N VAL A 126 11.78 17.85 0.25
CA VAL A 126 12.69 18.82 0.87
C VAL A 126 14.11 18.36 0.55
N CYS A 127 14.89 19.26 -0.06
CA CYS A 127 16.29 18.97 -0.33
C CYS A 127 17.16 19.65 0.73
N GLU A 128 18.22 18.96 1.14
CA GLU A 128 19.22 19.50 2.04
C GLU A 128 20.53 19.62 1.29
N MET A 129 21.09 20.83 1.25
CA MET A 129 22.33 21.11 0.56
C MET A 129 23.35 21.65 1.55
N MET A 130 24.54 21.06 1.57
CA MET A 130 25.58 21.48 2.50
C MET A 130 26.41 22.60 1.90
N LYS A 131 26.80 23.54 2.75
CA LYS A 131 27.44 24.78 2.30
C LYS A 131 28.90 24.85 2.74
N SER B 2 -23.21 8.24 31.02
CA SER B 2 -22.71 7.96 32.36
C SER B 2 -21.97 9.16 32.96
N CYS B 3 -21.19 9.85 32.13
CA CYS B 3 -20.42 10.99 32.60
C CYS B 3 -21.35 12.14 32.97
N PRO B 4 -20.99 12.94 33.99
CA PRO B 4 -21.82 14.10 34.38
C PRO B 4 -21.90 15.15 33.28
N LYS B 5 -22.71 16.19 33.49
CA LYS B 5 -22.84 17.25 32.51
C LYS B 5 -21.57 18.10 32.49
N ASN B 6 -21.19 18.54 31.29
CA ASN B 6 -19.98 19.32 31.05
C ASN B 6 -18.71 18.54 31.35
N TRP B 7 -18.80 17.21 31.36
CA TRP B 7 -17.65 16.33 31.49
C TRP B 7 -17.53 15.49 30.22
N LYS B 8 -16.40 15.60 29.55
CA LYS B 8 -16.15 14.80 28.35
C LYS B 8 -15.79 13.38 28.74
N SER B 9 -16.14 12.44 27.88
CA SER B 9 -15.99 11.02 28.16
C SER B 9 -14.90 10.43 27.28
N PHE B 10 -13.93 9.77 27.90
CA PHE B 10 -12.93 8.97 27.21
C PHE B 10 -12.61 7.77 28.06
N SER B 11 -12.67 6.58 27.46
CA SER B 11 -12.46 5.32 28.18
C SER B 11 -13.44 5.27 29.35
N SER B 12 -13.04 4.66 30.46
CA SER B 12 -13.91 4.52 31.62
C SER B 12 -13.77 5.70 32.58
N ASN B 13 -13.45 6.89 32.06
CA ASN B 13 -13.23 8.07 32.89
C ASN B 13 -14.07 9.23 32.36
N CYS B 14 -14.08 10.31 33.14
CA CYS B 14 -14.73 11.55 32.77
C CYS B 14 -13.76 12.71 33.06
N TYR B 15 -13.65 13.63 32.11
CA TYR B 15 -12.69 14.71 32.19
C TYR B 15 -13.41 16.04 32.11
N PHE B 16 -12.97 17.00 32.92
CA PHE B 16 -13.55 18.34 32.99
C PHE B 16 -12.49 19.36 32.60
N ILE B 17 -12.67 20.01 31.47
CA ILE B 17 -11.77 21.08 31.03
C ILE B 17 -12.28 22.39 31.60
N SER B 18 -11.47 23.01 32.46
CA SER B 18 -11.87 24.17 33.22
C SER B 18 -12.01 25.41 32.33
N THR B 19 -12.84 26.34 32.80
CA THR B 19 -12.98 27.67 32.20
C THR B 19 -12.48 28.76 33.12
N GLU B 20 -12.84 28.70 34.41
CA GLU B 20 -12.32 29.62 35.40
C GLU B 20 -10.91 29.20 35.80
N SER B 21 -10.08 30.19 36.14
CA SER B 21 -8.68 29.96 36.42
C SER B 21 -8.40 29.97 37.92
N ALA B 22 -7.36 29.27 38.32
CA ALA B 22 -6.93 29.22 39.71
C ALA B 22 -5.50 28.68 39.74
N SER B 23 -4.87 28.81 40.92
CA SER B 23 -3.51 28.33 41.10
C SER B 23 -3.48 26.81 41.01
N TRP B 24 -2.27 26.24 41.12
CA TRP B 24 -2.14 24.80 40.98
C TRP B 24 -2.79 24.06 42.14
N GLN B 25 -2.43 24.43 43.38
CA GLN B 25 -2.99 23.76 44.54
C GLN B 25 -4.50 23.99 44.62
N ASP B 26 -4.96 25.19 44.28
CA ASP B 26 -6.40 25.46 44.31
C ASP B 26 -7.13 24.71 43.22
N SER B 27 -6.51 24.55 42.04
CA SER B 27 -7.12 23.73 41.00
C SER B 27 -7.17 22.26 41.41
N GLU B 28 -6.11 21.77 42.05
CA GLU B 28 -6.11 20.40 42.55
C GLU B 28 -7.04 20.24 43.75
N LYS B 29 -7.22 21.32 44.53
CA LYS B 29 -8.19 21.27 45.62
C LYS B 29 -9.61 21.17 45.08
N ASP B 30 -9.90 21.89 44.00
CA ASP B 30 -11.26 21.87 43.44
C ASP B 30 -11.55 20.58 42.69
N CYS B 31 -10.55 19.95 42.08
CA CYS B 31 -10.78 18.63 41.50
C CYS B 31 -11.16 17.62 42.58
N ALA B 32 -10.58 17.76 43.78
CA ALA B 32 -10.94 16.87 44.87
C ALA B 32 -12.34 17.17 45.41
N ARG B 33 -12.79 18.43 45.32
CA ARG B 33 -14.16 18.75 45.71
C ARG B 33 -15.18 18.10 44.80
N MET B 34 -14.77 17.62 43.62
CA MET B 34 -15.65 16.94 42.69
C MET B 34 -15.31 15.45 42.56
N GLU B 35 -14.68 14.88 43.60
CA GLU B 35 -14.30 13.46 43.62
C GLU B 35 -13.43 13.11 42.41
N ALA B 36 -12.52 14.00 42.06
CA ALA B 36 -11.60 13.79 40.96
C ALA B 36 -10.20 14.24 41.38
N HIS B 37 -9.24 14.01 40.49
CA HIS B 37 -7.87 14.44 40.70
C HIS B 37 -7.37 15.14 39.44
N LEU B 38 -6.33 15.94 39.60
CA LEU B 38 -5.73 16.61 38.45
C LEU B 38 -5.28 15.59 37.41
N LEU B 39 -5.35 16.00 36.14
CA LEU B 39 -5.16 15.07 35.04
C LEU B 39 -3.82 14.35 35.14
N VAL B 40 -3.86 13.03 35.02
CA VAL B 40 -2.68 12.18 34.98
C VAL B 40 -2.64 11.52 33.61
N ILE B 41 -1.63 11.86 32.81
CA ILE B 41 -1.50 11.36 31.45
C ILE B 41 -0.75 10.04 31.50
N ASN B 42 -1.42 8.95 31.11
CA ASN B 42 -0.86 7.61 31.19
C ASN B 42 -0.52 7.01 29.84
N THR B 43 -1.32 7.25 28.81
CA THR B 43 -1.12 6.65 27.49
C THR B 43 -1.05 7.76 26.44
N GLN B 44 -0.75 7.35 25.20
CA GLN B 44 -0.72 8.29 24.09
C GLN B 44 -2.12 8.74 23.68
N GLU B 45 -3.11 7.83 23.78
CA GLU B 45 -4.45 8.17 23.32
C GLU B 45 -5.22 8.99 24.35
N GLU B 46 -4.93 8.84 25.64
CA GLU B 46 -5.55 9.74 26.61
C GLU B 46 -5.06 11.17 26.42
N GLN B 47 -3.78 11.33 26.04
CA GLN B 47 -3.24 12.66 25.78
C GLN B 47 -3.88 13.28 24.55
N ASP B 48 -3.95 12.53 23.45
CA ASP B 48 -4.48 13.07 22.21
C ASP B 48 -5.96 13.36 22.29
N PHE B 49 -6.70 12.61 23.11
CA PHE B 49 -8.13 12.90 23.28
C PHE B 49 -8.35 14.27 23.91
N ILE B 50 -7.44 14.69 24.78
CA ILE B 50 -7.62 15.95 25.51
C ILE B 50 -7.11 17.14 24.74
N PHE B 51 -6.00 16.98 24.00
CA PHE B 51 -5.56 18.03 23.09
C PHE B 51 -6.66 18.39 22.09
N GLN B 52 -7.48 17.41 21.70
CA GLN B 52 -8.60 17.68 20.80
C GLN B 52 -9.64 18.58 21.43
N ASN B 53 -9.68 18.69 22.76
CA ASN B 53 -10.71 19.44 23.45
C ASN B 53 -10.25 20.75 24.08
N LEU B 54 -8.93 20.91 24.28
CA LEU B 54 -8.44 22.17 24.81
C LEU B 54 -8.49 23.25 23.74
N GLN B 55 -8.21 24.48 24.15
CA GLN B 55 -8.17 25.63 23.25
C GLN B 55 -6.74 26.10 23.08
N GLU B 56 -6.36 26.38 21.82
CA GLU B 56 -4.97 26.69 21.51
C GLU B 56 -4.48 27.93 22.26
N GLU B 57 -5.37 28.85 22.56
CA GLU B 57 -5.01 30.13 23.15
C GLU B 57 -5.03 30.11 24.68
N SER B 58 -4.94 28.93 25.29
CA SER B 58 -5.01 28.83 26.74
C SER B 58 -4.18 27.65 27.22
N ALA B 59 -3.67 27.76 28.44
CA ALA B 59 -2.89 26.70 29.07
C ALA B 59 -3.72 26.03 30.17
N TYR B 60 -3.38 24.78 30.49
CA TYR B 60 -4.20 23.96 31.37
C TYR B 60 -3.33 23.21 32.37
N PHE B 61 -3.62 23.38 33.66
CA PHE B 61 -2.85 22.73 34.71
C PHE B 61 -3.01 21.21 34.67
N VAL B 62 -1.96 20.51 35.13
CA VAL B 62 -1.87 19.06 35.08
C VAL B 62 -1.34 18.56 36.41
N GLY B 63 -1.76 17.36 36.80
CA GLY B 63 -1.31 16.74 38.03
C GLY B 63 0.12 16.25 38.01
N LEU B 64 1.03 17.07 37.48
CA LEU B 64 2.45 16.76 37.46
C LEU B 64 3.19 17.95 38.07
N SER B 65 3.88 17.71 39.17
CA SER B 65 4.54 18.78 39.91
C SER B 65 5.95 18.36 40.31
N ASP B 66 6.72 19.32 40.79
CA ASP B 66 8.07 19.09 41.29
C ASP B 66 8.25 20.00 42.49
N PRO B 67 7.87 19.54 43.69
CA PRO B 67 7.81 20.46 44.84
C PRO B 67 9.16 20.98 45.28
N GLU B 68 10.23 20.22 45.08
CA GLU B 68 11.56 20.59 45.55
C GLU B 68 12.35 21.39 44.53
N GLY B 69 11.81 21.62 43.34
CA GLY B 69 12.57 22.29 42.31
C GLY B 69 13.78 21.51 41.83
N GLN B 70 13.85 20.22 42.13
CA GLN B 70 14.98 19.39 41.78
C GLN B 70 14.69 18.49 40.59
N ARG B 71 13.64 18.80 39.83
CA ARG B 71 13.25 18.04 38.64
C ARG B 71 12.88 16.60 38.98
N HIS B 72 12.20 16.42 40.11
CA HIS B 72 11.68 15.12 40.52
C HIS B 72 10.17 15.13 40.31
N TRP B 73 9.78 14.93 39.05
CA TRP B 73 8.38 15.05 38.67
C TRP B 73 7.57 13.89 39.26
N GLN B 74 6.42 14.23 39.84
CA GLN B 74 5.55 13.26 40.47
C GLN B 74 4.12 13.48 40.00
N TRP B 75 3.37 12.40 39.91
CA TRP B 75 1.95 12.48 39.60
C TRP B 75 1.15 12.58 40.89
N VAL B 76 0.04 13.33 40.84
CA VAL B 76 -0.78 13.53 42.02
C VAL B 76 -1.40 12.22 42.50
N ASP B 77 -1.51 11.22 41.62
CA ASP B 77 -1.97 9.90 42.01
C ASP B 77 -0.82 8.93 42.23
N GLN B 78 0.43 9.42 42.24
CA GLN B 78 1.64 8.70 42.64
C GLN B 78 2.04 7.60 41.68
N THR B 79 1.47 7.55 40.48
CA THR B 79 1.93 6.56 39.51
C THR B 79 3.32 6.92 39.01
N PRO B 80 4.13 5.93 38.63
CA PRO B 80 5.50 6.20 38.23
C PRO B 80 5.58 7.16 37.04
N TYR B 81 6.62 8.00 37.06
CA TYR B 81 6.86 8.98 36.01
C TYR B 81 7.87 8.39 35.02
N ASN B 82 7.42 8.18 33.78
CA ASN B 82 8.24 7.58 32.74
C ASN B 82 8.72 8.67 31.79
N GLU B 83 10.02 8.94 31.79
CA GLU B 83 10.55 10.05 31.01
C GLU B 83 10.33 9.84 29.51
N SER B 84 10.59 8.63 29.01
CA SER B 84 10.51 8.39 27.57
C SER B 84 9.10 8.54 27.02
N SER B 85 8.08 8.63 27.88
CA SER B 85 6.70 8.80 27.42
C SER B 85 6.11 10.09 27.95
N THR B 86 6.77 11.22 27.65
CA THR B 86 6.30 12.54 28.02
C THR B 86 6.17 13.40 26.78
N PHE B 87 5.42 14.49 26.90
CA PHE B 87 5.18 15.40 25.80
C PHE B 87 5.71 16.79 26.10
N TRP B 88 6.95 16.87 26.56
CA TRP B 88 7.59 18.17 26.78
C TRP B 88 7.82 18.88 25.46
N HIS B 89 7.61 20.19 25.46
CA HIS B 89 8.07 21.01 24.36
C HIS B 89 9.60 21.00 24.32
N PRO B 90 10.19 21.30 23.16
CA PRO B 90 11.65 21.42 23.11
C PRO B 90 12.17 22.41 24.14
N ARG B 91 13.40 22.18 24.60
CA ARG B 91 14.06 22.90 25.68
C ARG B 91 13.12 23.23 26.84
N GLU B 92 12.24 22.30 27.19
CA GLU B 92 11.44 22.37 28.41
C GLU B 92 11.49 21.01 29.11
N PRO B 93 11.50 21.00 30.47
CA PRO B 93 11.35 22.11 31.43
C PRO B 93 12.45 23.17 31.34
N SER B 94 12.12 24.37 31.79
CA SER B 94 12.96 25.54 31.57
C SER B 94 13.55 26.14 32.83
N ASP B 95 12.78 26.22 33.92
CA ASP B 95 13.20 26.95 35.11
C ASP B 95 13.00 26.10 36.36
N PRO B 96 13.99 26.04 37.26
CA PRO B 96 13.77 25.33 38.53
C PRO B 96 12.66 25.92 39.38
N ASN B 97 12.30 27.19 39.18
CA ASN B 97 11.23 27.82 39.91
C ASN B 97 9.89 27.74 39.19
N GLU B 98 9.85 27.11 38.01
CA GLU B 98 8.60 26.70 37.38
C GLU B 98 8.40 25.22 37.76
N ARG B 99 7.59 24.98 38.78
CA ARG B 99 7.50 23.66 39.40
C ARG B 99 6.16 22.97 39.14
N CYS B 100 5.32 23.54 38.28
CA CYS B 100 4.07 22.90 37.89
C CYS B 100 3.95 22.90 36.37
N VAL B 101 3.24 21.89 35.87
CA VAL B 101 3.19 21.57 34.44
C VAL B 101 1.84 21.96 33.89
N VAL B 102 1.84 22.48 32.65
CA VAL B 102 0.62 22.81 31.93
C VAL B 102 0.68 22.16 30.55
N LEU B 103 -0.49 22.02 29.94
CA LEU B 103 -0.61 21.71 28.52
C LEU B 103 -0.86 23.01 27.76
N ASN B 104 -0.01 23.30 26.78
CA ASN B 104 -0.14 24.55 26.04
C ASN B 104 0.16 24.33 24.57
N PHE B 105 -0.62 24.97 23.72
CA PHE B 105 -0.35 25.02 22.30
C PHE B 105 0.73 26.05 22.00
N ARG B 106 1.50 25.80 20.94
CA ARG B 106 2.55 26.72 20.54
C ARG B 106 2.57 26.83 19.03
N LYS B 107 2.67 28.07 18.53
CA LYS B 107 2.70 28.35 17.11
C LYS B 107 4.11 28.16 16.56
N SER B 108 4.18 27.95 15.25
CA SER B 108 5.43 27.85 14.49
C SER B 108 6.56 27.08 15.20
N PRO B 109 6.52 25.73 15.12
CA PRO B 109 5.47 24.97 14.45
C PRO B 109 4.27 24.70 15.37
N LYS B 110 3.10 24.51 14.78
CA LYS B 110 1.91 24.18 15.56
C LYS B 110 2.11 22.87 16.29
N ARG B 111 2.27 22.93 17.61
CA ARG B 111 2.56 21.73 18.40
C ARG B 111 1.87 21.80 19.74
N TRP B 112 1.22 20.70 20.13
CA TRP B 112 0.69 20.53 21.47
C TRP B 112 1.74 19.83 22.33
N GLY B 113 2.04 20.42 23.48
CA GLY B 113 3.05 19.87 24.35
C GLY B 113 2.88 20.32 25.79
N TRP B 114 3.97 20.23 26.55
CA TRP B 114 3.98 20.51 27.97
C TRP B 114 4.89 21.70 28.26
N ASN B 115 4.57 22.44 29.33
CA ASN B 115 5.48 23.47 29.81
C ASN B 115 5.47 23.47 31.33
N ASP B 116 6.62 23.75 31.92
CA ASP B 116 6.71 24.03 33.34
C ASP B 116 6.46 25.51 33.57
N VAL B 117 5.54 25.83 34.48
CA VAL B 117 5.18 27.21 34.80
C VAL B 117 5.18 27.40 36.31
N ASN B 118 5.11 28.66 36.72
CA ASN B 118 4.92 28.96 38.13
C ASN B 118 3.56 28.48 38.60
N CYS B 119 3.51 28.02 39.86
CA CYS B 119 2.31 27.38 40.39
C CYS B 119 1.31 28.35 40.99
N LEU B 120 1.73 29.56 41.37
CA LEU B 120 0.80 30.48 42.03
C LEU B 120 -0.08 31.20 41.00
N GLY B 121 0.48 31.54 39.85
CA GLY B 121 -0.27 32.19 38.80
C GLY B 121 -1.42 31.34 38.32
N PRO B 122 -2.62 31.91 38.34
CA PRO B 122 -3.81 31.13 37.97
C PRO B 122 -3.76 30.69 36.52
N GLN B 123 -4.14 29.43 36.30
CA GLN B 123 -4.33 28.87 34.97
C GLN B 123 -5.59 28.02 35.00
N ARG B 124 -6.02 27.59 33.82
CA ARG B 124 -7.09 26.61 33.76
C ARG B 124 -6.53 25.22 34.08
N SER B 125 -7.42 24.26 34.28
CA SER B 125 -7.00 22.94 34.73
C SER B 125 -7.89 21.88 34.10
N VAL B 126 -7.47 20.62 34.27
CA VAL B 126 -8.22 19.46 33.82
C VAL B 126 -8.33 18.48 34.98
N CYS B 127 -9.55 18.09 35.32
CA CYS B 127 -9.79 17.10 36.35
C CYS B 127 -10.06 15.74 35.69
N GLU B 128 -9.45 14.69 36.25
CA GLU B 128 -9.71 13.33 35.81
C GLU B 128 -10.51 12.61 36.89
N MET B 129 -11.68 12.10 36.52
CA MET B 129 -12.56 11.37 37.42
C MET B 129 -12.73 9.94 36.91
N MET B 130 -12.55 8.97 37.79
CA MET B 130 -12.57 7.58 37.41
C MET B 130 -13.98 7.00 37.46
N LYS B 131 -14.19 5.95 36.68
CA LYS B 131 -15.49 5.30 36.50
C LYS B 131 -16.53 6.29 35.96
N SER C 2 18.26 -10.02 -36.69
CA SER C 2 17.56 -8.74 -36.85
C SER C 2 17.56 -7.96 -35.54
N CYS C 3 17.33 -8.67 -34.43
CA CYS C 3 17.35 -8.09 -33.09
C CYS C 3 18.77 -8.09 -32.53
N PRO C 4 19.04 -7.31 -31.49
CA PRO C 4 20.34 -7.40 -30.82
C PRO C 4 20.52 -8.77 -30.17
N LYS C 5 21.78 -9.12 -29.93
CA LYS C 5 22.08 -10.41 -29.33
C LYS C 5 21.60 -10.44 -27.88
N ASN C 6 21.19 -11.63 -27.44
CA ASN C 6 20.56 -11.90 -26.14
C ASN C 6 19.19 -11.25 -26.03
N TRP C 7 18.65 -10.73 -27.12
CA TRP C 7 17.29 -10.22 -27.18
C TRP C 7 16.41 -11.21 -27.94
N LYS C 8 15.12 -11.17 -27.66
CA LYS C 8 14.16 -12.07 -28.28
C LYS C 8 13.33 -11.33 -29.32
N SER C 9 12.98 -12.04 -30.39
CA SER C 9 12.30 -11.46 -31.54
C SER C 9 10.86 -11.94 -31.60
N PHE C 10 9.93 -10.99 -31.71
CA PHE C 10 8.51 -11.29 -31.90
C PHE C 10 7.87 -10.12 -32.60
N SER C 11 7.03 -10.42 -33.60
CA SER C 11 6.36 -9.39 -34.42
C SER C 11 7.44 -8.46 -34.97
N SER C 12 7.25 -7.14 -34.91
CA SER C 12 8.26 -6.20 -35.38
C SER C 12 9.06 -5.60 -34.23
N ASN C 13 9.09 -6.27 -33.08
CA ASN C 13 9.72 -5.75 -31.88
C ASN C 13 10.79 -6.70 -31.39
N CYS C 14 11.67 -6.17 -30.54
CA CYS C 14 12.70 -6.95 -29.86
C CYS C 14 12.53 -6.78 -28.36
N TYR C 15 12.63 -7.89 -27.63
CA TYR C 15 12.37 -7.90 -26.20
C TYR C 15 13.62 -8.37 -25.46
N PHE C 16 13.76 -7.90 -24.22
CA PHE C 16 14.93 -8.20 -23.39
C PHE C 16 14.43 -8.63 -22.01
N ILE C 17 14.58 -9.92 -21.71
CA ILE C 17 14.22 -10.45 -20.39
C ILE C 17 15.38 -10.16 -19.44
N SER C 18 15.16 -9.27 -18.47
CA SER C 18 16.19 -8.90 -17.52
C SER C 18 16.62 -10.09 -16.69
N THR C 19 17.87 -10.04 -16.22
CA THR C 19 18.42 -11.11 -15.39
C THR C 19 18.71 -10.68 -13.96
N GLU C 20 19.10 -9.43 -13.71
CA GLU C 20 19.16 -8.89 -12.36
C GLU C 20 18.04 -7.88 -12.15
N SER C 21 17.91 -7.43 -10.90
CA SER C 21 16.73 -6.69 -10.47
C SER C 21 17.08 -5.25 -10.13
N ALA C 22 16.05 -4.41 -10.20
CA ALA C 22 16.11 -3.02 -9.78
C ALA C 22 14.69 -2.56 -9.52
N SER C 23 14.56 -1.38 -8.93
CA SER C 23 13.25 -0.82 -8.65
C SER C 23 12.48 -0.58 -9.95
N TRP C 24 11.16 -0.46 -9.83
CA TRP C 24 10.31 -0.37 -11.02
C TRP C 24 10.69 0.83 -11.87
N GLN C 25 10.88 2.00 -11.23
CA GLN C 25 11.26 3.18 -11.99
C GLN C 25 12.66 3.04 -12.56
N ASP C 26 13.61 2.59 -11.75
CA ASP C 26 14.97 2.39 -12.24
C ASP C 26 15.01 1.32 -13.33
N SER C 27 14.11 0.34 -13.27
CA SER C 27 14.02 -0.64 -14.35
C SER C 27 13.59 0.02 -15.65
N GLU C 28 12.64 0.95 -15.58
CA GLU C 28 12.25 1.70 -16.78
C GLU C 28 13.38 2.62 -17.24
N LYS C 29 14.04 3.29 -16.28
CA LYS C 29 15.20 4.09 -16.62
C LYS C 29 16.33 3.25 -17.21
N ASP C 30 16.34 1.95 -16.94
CA ASP C 30 17.37 1.06 -17.48
C ASP C 30 17.01 0.51 -18.85
N CYS C 31 15.72 0.30 -19.12
CA CYS C 31 15.31 0.01 -20.50
C CYS C 31 15.52 1.21 -21.40
N ALA C 32 15.58 2.41 -20.83
CA ALA C 32 15.70 3.63 -21.64
C ALA C 32 17.09 3.78 -22.23
N ARG C 33 18.14 3.46 -21.46
CA ARG C 33 19.49 3.55 -22.00
C ARG C 33 19.70 2.59 -23.15
N MET C 34 18.96 1.48 -23.17
CA MET C 34 18.96 0.55 -24.30
C MET C 34 17.98 0.96 -25.39
N GLU C 35 17.54 2.22 -25.39
CA GLU C 35 16.59 2.75 -26.36
C GLU C 35 15.29 1.95 -26.38
N ALA C 36 14.87 1.46 -25.21
CA ALA C 36 13.65 0.68 -25.08
C ALA C 36 12.81 1.20 -23.92
N HIS C 37 11.72 0.49 -23.61
CA HIS C 37 10.84 0.85 -22.51
C HIS C 37 10.39 -0.43 -21.83
N LEU C 38 9.78 -0.29 -20.66
CA LEU C 38 9.15 -1.42 -20.02
C LEU C 38 8.04 -1.99 -20.91
N LEU C 39 7.86 -3.30 -20.83
CA LEU C 39 6.97 -4.00 -21.76
C LEU C 39 5.54 -3.48 -21.67
N VAL C 40 4.90 -3.35 -22.84
CA VAL C 40 3.50 -2.98 -22.94
C VAL C 40 2.77 -4.14 -23.61
N ILE C 41 1.97 -4.86 -22.84
CA ILE C 41 1.19 -5.98 -23.39
C ILE C 41 0.05 -5.40 -24.24
N ASN C 42 0.11 -5.61 -25.55
CA ASN C 42 -0.95 -5.17 -26.44
C ASN C 42 -1.85 -6.30 -26.92
N THR C 43 -1.34 -7.53 -26.93
CA THR C 43 -2.13 -8.69 -27.35
C THR C 43 -1.85 -9.85 -26.40
N GLN C 44 -2.75 -10.84 -26.45
CA GLN C 44 -2.49 -12.09 -25.75
C GLN C 44 -1.39 -12.91 -26.41
N GLU C 45 -1.15 -12.67 -27.70
CA GLU C 45 -0.05 -13.34 -28.38
C GLU C 45 1.29 -12.78 -27.96
N GLU C 46 1.37 -11.45 -27.74
CA GLU C 46 2.57 -10.86 -27.17
C GLU C 46 2.81 -11.33 -25.75
N GLN C 47 1.73 -11.55 -24.99
CA GLN C 47 1.86 -11.97 -23.61
C GLN C 47 2.26 -13.44 -23.51
N ASP C 48 1.60 -14.31 -24.28
CA ASP C 48 1.96 -15.73 -24.27
C ASP C 48 3.39 -15.95 -24.71
N PHE C 49 3.88 -15.14 -25.67
CA PHE C 49 5.26 -15.28 -26.12
C PHE C 49 6.27 -14.99 -25.02
N ILE C 50 5.89 -14.20 -24.01
CA ILE C 50 6.85 -13.62 -23.08
C ILE C 50 7.01 -14.47 -21.83
N PHE C 51 5.91 -14.90 -21.19
CA PHE C 51 6.15 -15.84 -20.10
C PHE C 51 6.36 -17.26 -20.61
N GLN C 52 6.47 -17.42 -21.93
CA GLN C 52 7.11 -18.60 -22.50
C GLN C 52 8.63 -18.51 -22.37
N ASN C 53 9.17 -17.33 -22.04
CA ASN C 53 10.60 -17.12 -21.90
C ASN C 53 11.00 -16.69 -20.49
N LEU C 54 10.07 -16.64 -19.55
CA LEU C 54 10.38 -16.21 -18.19
C LEU C 54 10.82 -17.42 -17.35
N GLN C 55 11.02 -17.20 -16.06
CA GLN C 55 11.46 -18.25 -15.14
C GLN C 55 10.48 -18.29 -13.97
N GLU C 56 9.98 -19.50 -13.67
CA GLU C 56 8.91 -19.63 -12.67
C GLU C 56 9.30 -19.01 -11.34
N GLU C 57 10.55 -19.17 -10.93
CA GLU C 57 11.01 -18.72 -9.62
C GLU C 57 11.42 -17.25 -9.63
N SER C 58 10.77 -16.44 -10.46
CA SER C 58 11.14 -15.04 -10.59
C SER C 58 9.93 -14.21 -11.02
N ALA C 59 9.85 -12.99 -10.52
CA ALA C 59 8.82 -12.03 -10.89
C ALA C 59 9.45 -10.93 -11.74
N TYR C 60 8.73 -10.49 -12.77
CA TYR C 60 9.27 -9.61 -13.79
C TYR C 60 8.43 -8.34 -13.90
N PHE C 61 9.06 -7.20 -13.65
CA PHE C 61 8.39 -5.91 -13.76
C PHE C 61 7.90 -5.67 -15.18
N VAL C 62 6.79 -4.93 -15.29
CA VAL C 62 6.16 -4.60 -16.57
C VAL C 62 5.67 -3.16 -16.50
N GLY C 63 5.68 -2.48 -17.64
CA GLY C 63 5.29 -1.08 -17.69
C GLY C 63 3.82 -0.80 -17.47
N LEU C 64 3.26 -1.34 -16.39
CA LEU C 64 1.88 -1.06 -16.00
C LEU C 64 1.89 -0.60 -14.55
N SER C 65 1.42 0.63 -14.32
CA SER C 65 1.52 1.25 -13.02
C SER C 65 0.22 1.94 -12.65
N ASP C 66 0.01 2.10 -11.35
CA ASP C 66 -1.15 2.79 -10.78
C ASP C 66 -0.63 3.85 -9.83
N PRO C 67 -0.18 5.00 -10.35
CA PRO C 67 0.60 5.93 -9.52
C PRO C 67 -0.12 6.41 -8.27
N GLU C 68 -1.42 6.71 -8.36
CA GLU C 68 -2.15 7.26 -7.23
C GLU C 68 -2.84 6.21 -6.37
N GLY C 69 -2.79 4.93 -6.75
CA GLY C 69 -3.50 3.92 -6.00
C GLY C 69 -5.00 3.92 -6.21
N GLN C 70 -5.49 4.66 -7.20
CA GLN C 70 -6.92 4.77 -7.49
C GLN C 70 -7.40 3.69 -8.45
N ARG C 71 -6.58 2.67 -8.71
CA ARG C 71 -6.85 1.64 -9.71
C ARG C 71 -7.00 2.24 -11.11
N HIS C 72 -6.24 3.31 -11.37
CA HIS C 72 -6.17 3.90 -12.70
C HIS C 72 -4.88 3.45 -13.39
N TRP C 73 -4.89 2.19 -13.81
CA TRP C 73 -3.70 1.57 -14.36
C TRP C 73 -3.30 2.23 -15.68
N GLN C 74 -2.02 2.52 -15.84
CA GLN C 74 -1.48 3.18 -17.02
C GLN C 74 -0.39 2.32 -17.65
N TRP C 75 -0.33 2.35 -18.98
CA TRP C 75 0.82 1.83 -19.69
C TRP C 75 1.85 2.94 -19.86
N VAL C 76 3.12 2.55 -19.90
CA VAL C 76 4.20 3.53 -19.95
C VAL C 76 4.12 4.35 -21.24
N ASP C 77 3.70 3.73 -22.34
CA ASP C 77 3.53 4.46 -23.59
C ASP C 77 2.16 5.09 -23.71
N GLN C 78 1.35 5.04 -22.65
CA GLN C 78 0.04 5.68 -22.58
C GLN C 78 -0.94 5.15 -23.63
N THR C 79 -0.75 3.91 -24.08
CA THR C 79 -1.80 3.26 -24.85
C THR C 79 -2.94 2.88 -23.92
N PRO C 80 -4.19 3.03 -24.36
CA PRO C 80 -5.33 2.90 -23.43
C PRO C 80 -5.37 1.56 -22.74
N TYR C 81 -5.63 1.59 -21.43
CA TYR C 81 -5.77 0.37 -20.66
C TYR C 81 -7.03 -0.38 -21.07
N ASN C 82 -6.88 -1.68 -21.32
CA ASN C 82 -8.01 -2.53 -21.70
C ASN C 82 -8.41 -3.35 -20.47
N GLU C 83 -9.50 -2.95 -19.82
CA GLU C 83 -10.05 -3.72 -18.71
C GLU C 83 -10.71 -5.01 -19.17
N SER C 84 -10.99 -5.14 -20.46
CA SER C 84 -11.62 -6.35 -20.98
C SER C 84 -10.64 -7.51 -20.99
N SER C 85 -9.40 -7.28 -21.42
CA SER C 85 -8.41 -8.35 -21.49
C SER C 85 -7.28 -8.13 -20.49
N THR C 86 -7.62 -8.13 -19.19
CA THR C 86 -6.62 -8.18 -18.14
C THR C 86 -6.35 -9.63 -17.77
N PHE C 87 -5.23 -9.85 -17.09
CA PHE C 87 -4.79 -11.20 -16.76
C PHE C 87 -4.20 -11.25 -15.35
N TRP C 88 -4.93 -10.67 -14.40
CA TRP C 88 -4.55 -10.79 -13.00
C TRP C 88 -4.80 -12.21 -12.49
N HIS C 89 -4.02 -12.60 -11.48
CA HIS C 89 -4.34 -13.80 -10.73
C HIS C 89 -5.60 -13.56 -9.89
N PRO C 90 -6.26 -14.63 -9.45
CA PRO C 90 -7.37 -14.45 -8.51
C PRO C 90 -6.92 -13.69 -7.27
N ARG C 91 -7.75 -12.74 -6.84
CA ARG C 91 -7.61 -11.87 -5.68
C ARG C 91 -6.64 -10.71 -5.94
N GLU C 92 -6.08 -10.59 -7.14
CA GLU C 92 -5.23 -9.46 -7.48
C GLU C 92 -5.94 -8.56 -8.49
N PRO C 93 -5.77 -7.22 -8.39
CA PRO C 93 -4.96 -6.44 -7.44
C PRO C 93 -5.38 -6.61 -5.99
N SER C 94 -4.39 -6.66 -5.09
CA SER C 94 -4.63 -7.00 -3.70
C SER C 94 -4.41 -5.85 -2.73
N ASP C 95 -3.57 -4.87 -3.07
CA ASP C 95 -3.20 -3.82 -2.14
C ASP C 95 -3.16 -2.49 -2.89
N PRO C 96 -3.88 -1.46 -2.41
CA PRO C 96 -3.77 -0.14 -3.04
C PRO C 96 -2.36 0.44 -3.02
N ASN C 97 -1.51 0.01 -2.08
CA ASN C 97 -0.14 0.48 -2.01
C ASN C 97 0.82 -0.33 -2.87
N GLU C 98 0.36 -1.44 -3.45
CA GLU C 98 1.11 -2.14 -4.49
C GLU C 98 0.67 -1.56 -5.82
N ARG C 99 1.50 -0.69 -6.40
CA ARG C 99 1.10 0.12 -7.54
C ARG C 99 1.94 -0.14 -8.79
N CYS C 100 2.64 -1.27 -8.83
CA CYS C 100 3.41 -1.68 -9.99
C CYS C 100 3.17 -3.15 -10.24
N VAL C 101 3.10 -3.54 -11.51
CA VAL C 101 2.67 -4.86 -11.92
C VAL C 101 3.87 -5.69 -12.34
N VAL C 102 3.91 -6.94 -11.87
CA VAL C 102 4.89 -7.92 -12.30
C VAL C 102 4.17 -9.10 -12.93
N LEU C 103 4.85 -9.76 -13.87
CA LEU C 103 4.42 -11.06 -14.35
C LEU C 103 5.05 -12.12 -13.45
N ASN C 104 4.23 -12.81 -12.66
CA ASN C 104 4.73 -13.88 -11.81
C ASN C 104 3.94 -15.16 -12.07
N PHE C 105 4.56 -16.28 -11.78
CA PHE C 105 3.94 -17.59 -11.94
C PHE C 105 3.41 -18.08 -10.60
N ARG C 106 2.15 -18.49 -10.58
CA ARG C 106 1.51 -18.99 -9.38
C ARG C 106 0.83 -20.32 -9.68
N LYS C 107 0.51 -21.04 -8.61
CA LYS C 107 -0.14 -22.35 -8.72
C LYS C 107 -1.51 -22.27 -8.07
N SER C 108 -2.46 -23.03 -8.62
CA SER C 108 -3.86 -23.03 -8.20
C SER C 108 -4.46 -21.63 -8.19
N PRO C 109 -4.91 -21.15 -9.36
CA PRO C 109 -4.78 -21.81 -10.67
C PRO C 109 -3.37 -21.70 -11.24
N LYS C 110 -2.84 -22.82 -11.72
CA LYS C 110 -1.45 -22.91 -12.16
C LYS C 110 -1.32 -22.23 -13.52
N ARG C 111 -0.90 -20.97 -13.51
CA ARG C 111 -0.75 -20.19 -14.73
C ARG C 111 0.05 -18.93 -14.41
N TRP C 112 0.72 -18.41 -15.44
CA TRP C 112 1.31 -17.09 -15.34
C TRP C 112 0.21 -16.04 -15.29
N GLY C 113 0.55 -14.87 -14.76
CA GLY C 113 -0.43 -13.81 -14.68
C GLY C 113 0.18 -12.54 -14.14
N TRP C 114 -0.70 -11.60 -13.80
CA TRP C 114 -0.30 -10.30 -13.27
C TRP C 114 -0.41 -10.28 -11.76
N ASN C 115 0.40 -9.44 -11.13
CA ASN C 115 0.35 -9.23 -9.69
C ASN C 115 0.90 -7.83 -9.40
N ASP C 116 0.18 -7.07 -8.59
CA ASP C 116 0.65 -5.76 -8.16
C ASP C 116 1.55 -5.94 -6.94
N VAL C 117 2.78 -5.43 -7.03
CA VAL C 117 3.74 -5.51 -5.95
C VAL C 117 4.23 -4.11 -5.62
N ASN C 118 5.25 -4.02 -4.77
CA ASN C 118 5.79 -2.73 -4.37
C ASN C 118 6.69 -2.17 -5.46
N CYS C 119 6.51 -0.89 -5.78
CA CYS C 119 7.26 -0.27 -6.86
C CYS C 119 8.73 -0.10 -6.50
N LEU C 120 9.04 0.04 -5.22
CA LEU C 120 10.42 0.24 -4.78
C LEU C 120 11.17 -1.06 -4.61
N GLY C 121 10.49 -2.13 -4.20
CA GLY C 121 11.10 -3.43 -4.09
C GLY C 121 11.57 -3.94 -5.44
N PRO C 122 12.86 -4.19 -5.58
CA PRO C 122 13.42 -4.54 -6.89
C PRO C 122 12.97 -5.92 -7.36
N GLN C 123 12.55 -5.98 -8.61
CA GLN C 123 12.32 -7.23 -9.33
C GLN C 123 13.03 -7.14 -10.68
N ARG C 124 13.08 -8.27 -11.39
CA ARG C 124 13.57 -8.25 -12.76
C ARG C 124 12.52 -7.59 -13.65
N SER C 125 12.92 -7.29 -14.89
CA SER C 125 12.06 -6.51 -15.78
C SER C 125 12.04 -7.14 -17.16
N VAL C 126 11.21 -6.57 -18.03
CA VAL C 126 11.10 -6.95 -19.44
C VAL C 126 11.02 -5.67 -20.26
N CYS C 127 11.95 -5.49 -21.18
CA CYS C 127 11.96 -4.32 -22.04
C CYS C 127 11.37 -4.65 -23.41
N GLU C 128 10.86 -3.62 -24.08
CA GLU C 128 10.29 -3.75 -25.41
C GLU C 128 10.80 -2.60 -26.29
N MET C 129 11.11 -2.91 -27.54
CA MET C 129 11.69 -1.92 -28.44
C MET C 129 11.02 -1.91 -29.81
N SER D 2 -24.86 -26.58 0.51
CA SER D 2 -25.65 -25.94 -0.54
C SER D 2 -25.62 -26.78 -1.82
N CYS D 3 -24.41 -26.98 -2.37
CA CYS D 3 -24.25 -27.79 -3.56
C CYS D 3 -24.30 -29.28 -3.21
N PRO D 4 -24.61 -30.13 -4.18
CA PRO D 4 -24.62 -31.57 -3.94
C PRO D 4 -23.24 -32.09 -3.56
N LYS D 5 -23.23 -33.35 -3.12
CA LYS D 5 -21.99 -34.00 -2.69
C LYS D 5 -21.06 -34.20 -3.88
N ASN D 6 -19.76 -33.99 -3.63
CA ASN D 6 -18.67 -34.06 -4.60
C ASN D 6 -18.74 -32.96 -5.66
N TRP D 7 -19.78 -32.13 -5.64
CA TRP D 7 -19.80 -30.94 -6.47
C TRP D 7 -19.02 -29.81 -5.78
N LYS D 8 -18.75 -28.75 -6.53
CA LYS D 8 -17.94 -27.65 -6.03
C LYS D 8 -18.65 -26.33 -6.34
N SER D 9 -18.59 -25.40 -5.38
CA SER D 9 -19.39 -24.19 -5.42
C SER D 9 -18.56 -22.98 -5.85
N PHE D 10 -19.17 -22.14 -6.68
CA PHE D 10 -18.62 -20.83 -7.03
C PHE D 10 -19.76 -19.95 -7.47
N SER D 11 -19.81 -18.72 -6.94
CA SER D 11 -20.90 -17.79 -7.20
C SER D 11 -22.20 -18.47 -6.77
N SER D 12 -23.25 -18.48 -7.59
CA SER D 12 -24.49 -19.16 -7.26
C SER D 12 -24.59 -20.53 -7.91
N ASN D 13 -23.61 -20.92 -8.72
CA ASN D 13 -23.65 -22.17 -9.48
C ASN D 13 -22.88 -23.26 -8.76
N CYS D 14 -23.23 -24.51 -9.08
CA CYS D 14 -22.56 -25.69 -8.58
C CYS D 14 -21.89 -26.41 -9.76
N TYR D 15 -20.62 -26.78 -9.58
CA TYR D 15 -19.81 -27.34 -10.65
C TYR D 15 -19.41 -28.77 -10.31
N PHE D 16 -19.12 -29.55 -11.35
CA PHE D 16 -18.78 -30.96 -11.20
C PHE D 16 -17.59 -31.28 -12.09
N ILE D 17 -16.52 -31.78 -11.49
CA ILE D 17 -15.30 -32.16 -12.21
C ILE D 17 -15.33 -33.66 -12.41
N SER D 18 -15.45 -34.09 -13.66
CA SER D 18 -15.58 -35.51 -13.96
C SER D 18 -14.29 -36.26 -13.64
N THR D 19 -14.45 -37.56 -13.43
CA THR D 19 -13.33 -38.48 -13.16
C THR D 19 -13.12 -39.49 -14.27
N GLU D 20 -14.18 -40.11 -14.79
CA GLU D 20 -14.07 -40.99 -15.93
C GLU D 20 -14.48 -40.25 -17.21
N SER D 21 -14.40 -40.96 -18.34
CA SER D 21 -14.36 -40.33 -19.64
C SER D 21 -15.53 -40.77 -20.52
N ALA D 22 -15.83 -39.93 -21.51
CA ALA D 22 -16.85 -40.20 -22.52
C ALA D 22 -16.66 -39.19 -23.65
N SER D 23 -17.42 -39.39 -24.73
CA SER D 23 -17.36 -38.47 -25.85
C SER D 23 -18.00 -37.13 -25.45
N TRP D 24 -17.80 -36.13 -26.32
CA TRP D 24 -18.31 -34.78 -26.01
C TRP D 24 -19.82 -34.78 -25.91
N GLN D 25 -20.49 -35.40 -26.89
CA GLN D 25 -21.95 -35.46 -26.84
C GLN D 25 -22.43 -36.32 -25.69
N ASP D 26 -21.69 -37.40 -25.37
CA ASP D 26 -22.04 -38.21 -24.20
C ASP D 26 -21.73 -37.46 -22.91
N SER D 27 -20.68 -36.64 -22.90
CA SER D 27 -20.39 -35.85 -21.72
C SER D 27 -21.46 -34.80 -21.46
N GLU D 28 -22.06 -34.24 -22.52
CA GLU D 28 -23.20 -33.36 -22.35
C GLU D 28 -24.45 -34.15 -21.98
N LYS D 29 -24.57 -35.38 -22.47
CA LYS D 29 -25.67 -36.25 -22.06
C LYS D 29 -25.61 -36.55 -20.57
N ASP D 30 -24.41 -36.70 -20.02
CA ASP D 30 -24.27 -37.05 -18.60
C ASP D 30 -24.53 -35.85 -17.70
N CYS D 31 -24.13 -34.64 -18.11
CA CYS D 31 -24.45 -33.46 -17.32
C CYS D 31 -25.95 -33.22 -17.28
N ALA D 32 -26.64 -33.45 -18.40
CA ALA D 32 -28.09 -33.30 -18.44
C ALA D 32 -28.79 -34.32 -17.56
N ARG D 33 -28.23 -35.52 -17.44
CA ARG D 33 -28.77 -36.51 -16.51
C ARG D 33 -28.71 -36.00 -15.07
N MET D 34 -27.64 -35.29 -14.73
CA MET D 34 -27.45 -34.71 -13.41
C MET D 34 -28.10 -33.33 -13.28
N GLU D 35 -29.07 -33.01 -14.15
CA GLU D 35 -29.74 -31.70 -14.15
C GLU D 35 -28.75 -30.56 -14.29
N ALA D 36 -27.76 -30.73 -15.17
CA ALA D 36 -26.74 -29.72 -15.41
C ALA D 36 -26.42 -29.71 -16.91
N HIS D 37 -25.34 -29.01 -17.26
CA HIS D 37 -24.90 -28.94 -18.64
C HIS D 37 -23.38 -28.80 -18.65
N LEU D 38 -22.79 -29.00 -19.83
CA LEU D 38 -21.37 -28.77 -19.97
C LEU D 38 -21.02 -27.33 -19.63
N LEU D 39 -19.80 -27.13 -19.12
CA LEU D 39 -19.41 -25.83 -18.57
C LEU D 39 -19.45 -24.75 -19.63
N VAL D 40 -20.12 -23.65 -19.31
CA VAL D 40 -20.14 -22.44 -20.13
C VAL D 40 -19.31 -21.39 -19.39
N ILE D 41 -18.16 -21.03 -19.96
CA ILE D 41 -17.27 -20.06 -19.33
C ILE D 41 -17.79 -18.67 -19.68
N ASN D 42 -18.28 -17.95 -18.66
CA ASN D 42 -18.81 -16.61 -18.85
C ASN D 42 -17.89 -15.51 -18.35
N THR D 43 -17.10 -15.77 -17.29
CA THR D 43 -16.16 -14.81 -16.77
C THR D 43 -14.81 -15.48 -16.59
N GLN D 44 -13.75 -14.66 -16.59
CA GLN D 44 -12.43 -15.18 -16.28
C GLN D 44 -12.35 -15.65 -14.83
N GLU D 45 -13.19 -15.08 -13.95
CA GLU D 45 -13.27 -15.55 -12.57
C GLU D 45 -13.85 -16.96 -12.51
N GLU D 46 -14.89 -17.24 -13.32
CA GLU D 46 -15.41 -18.59 -13.40
C GLU D 46 -14.39 -19.56 -14.00
N GLN D 47 -13.53 -19.06 -14.89
CA GLN D 47 -12.55 -19.91 -15.56
C GLN D 47 -11.39 -20.26 -14.63
N ASP D 48 -10.83 -19.25 -13.94
CA ASP D 48 -9.73 -19.53 -13.03
C ASP D 48 -10.15 -20.43 -11.89
N PHE D 49 -11.40 -20.32 -11.44
CA PHE D 49 -11.87 -21.20 -10.37
C PHE D 49 -11.84 -22.66 -10.80
N ILE D 50 -12.19 -22.94 -12.05
CA ILE D 50 -12.27 -24.33 -12.49
C ILE D 50 -10.89 -24.86 -12.85
N PHE D 51 -10.03 -24.02 -13.45
CA PHE D 51 -8.62 -24.38 -13.61
C PHE D 51 -8.02 -24.80 -12.27
N GLN D 52 -8.43 -24.14 -11.19
CA GLN D 52 -7.93 -24.39 -9.85
C GLN D 52 -8.33 -25.77 -9.32
N ASN D 53 -9.28 -26.45 -9.96
CA ASN D 53 -9.79 -27.73 -9.48
C ASN D 53 -9.58 -28.87 -10.46
N LEU D 54 -8.84 -28.64 -11.55
CA LEU D 54 -8.58 -29.70 -12.52
C LEU D 54 -7.25 -30.39 -12.19
N GLN D 55 -6.89 -31.37 -13.01
CA GLN D 55 -5.63 -32.08 -12.88
C GLN D 55 -4.83 -31.94 -14.17
N GLU D 56 -3.54 -31.61 -14.03
CA GLU D 56 -2.72 -31.27 -15.18
C GLU D 56 -2.71 -32.37 -16.23
N GLU D 57 -2.48 -33.61 -15.79
CA GLU D 57 -2.29 -34.77 -16.66
C GLU D 57 -3.58 -35.22 -17.35
N SER D 58 -4.66 -34.44 -17.40
CA SER D 58 -5.89 -34.88 -18.01
C SER D 58 -6.56 -33.72 -18.72
N ALA D 59 -7.40 -34.06 -19.70
CA ALA D 59 -8.16 -33.09 -20.48
C ALA D 59 -9.62 -33.09 -20.03
N TYR D 60 -10.29 -31.96 -20.25
CA TYR D 60 -11.64 -31.77 -19.73
C TYR D 60 -12.51 -31.08 -20.78
N PHE D 61 -13.52 -31.80 -21.27
CA PHE D 61 -14.49 -31.22 -22.20
C PHE D 61 -15.25 -30.06 -21.55
N VAL D 62 -15.57 -29.05 -22.36
CA VAL D 62 -16.41 -27.95 -21.93
C VAL D 62 -17.60 -27.83 -22.87
N GLY D 63 -18.41 -26.79 -22.69
CA GLY D 63 -19.59 -26.61 -23.50
C GLY D 63 -19.38 -25.75 -24.73
N LEU D 64 -18.24 -25.92 -25.41
CA LEU D 64 -17.93 -25.16 -26.60
C LEU D 64 -17.66 -26.12 -27.75
N SER D 65 -18.26 -25.85 -28.91
CA SER D 65 -18.10 -26.71 -30.07
C SER D 65 -18.24 -25.88 -31.34
N ASP D 66 -17.71 -26.43 -32.43
CA ASP D 66 -17.80 -25.83 -33.76
C ASP D 66 -18.26 -26.92 -34.71
N PRO D 67 -19.55 -27.23 -34.72
CA PRO D 67 -20.01 -28.45 -35.42
C PRO D 67 -19.72 -28.49 -36.91
N GLU D 68 -19.86 -27.36 -37.60
CA GLU D 68 -19.66 -27.34 -39.04
C GLU D 68 -18.20 -27.22 -39.44
N GLY D 69 -17.29 -27.07 -38.49
CA GLY D 69 -15.89 -26.84 -38.83
C GLY D 69 -15.62 -25.50 -39.46
N GLN D 70 -16.48 -24.50 -39.22
CA GLN D 70 -16.35 -23.19 -39.84
C GLN D 70 -15.85 -22.13 -38.86
N ARG D 71 -15.41 -22.56 -37.67
CA ARG D 71 -14.91 -21.64 -36.64
C ARG D 71 -15.99 -20.65 -36.19
N HIS D 72 -17.21 -21.15 -36.06
CA HIS D 72 -18.32 -20.42 -35.43
C HIS D 72 -18.61 -21.12 -34.10
N TRP D 73 -17.79 -20.80 -33.10
CA TRP D 73 -17.88 -21.49 -31.82
C TRP D 73 -19.16 -21.12 -31.10
N GLN D 74 -19.91 -22.13 -30.64
CA GLN D 74 -21.18 -21.93 -29.97
C GLN D 74 -21.12 -22.54 -28.58
N TRP D 75 -21.68 -21.81 -27.61
CA TRP D 75 -21.87 -22.38 -26.28
C TRP D 75 -23.15 -23.20 -26.24
N VAL D 76 -23.12 -24.27 -25.44
CA VAL D 76 -24.22 -25.23 -25.43
C VAL D 76 -25.50 -24.65 -24.83
N ASP D 77 -25.45 -23.44 -24.27
CA ASP D 77 -26.64 -22.75 -23.81
C ASP D 77 -26.95 -21.52 -24.65
N GLN D 78 -26.36 -21.42 -25.85
CA GLN D 78 -26.63 -20.38 -26.84
C GLN D 78 -26.24 -18.98 -26.38
N THR D 79 -25.51 -18.85 -25.26
CA THR D 79 -25.01 -17.55 -24.88
C THR D 79 -23.96 -17.07 -25.88
N PRO D 80 -23.93 -15.79 -26.21
CA PRO D 80 -23.07 -15.32 -27.29
C PRO D 80 -21.59 -15.50 -26.98
N TYR D 81 -20.85 -15.98 -27.97
CA TYR D 81 -19.43 -16.30 -27.83
C TYR D 81 -18.60 -15.05 -28.10
N ASN D 82 -17.79 -14.67 -27.11
CA ASN D 82 -16.95 -13.48 -27.21
C ASN D 82 -15.55 -13.89 -27.68
N GLU D 83 -15.07 -13.24 -28.75
CA GLU D 83 -13.74 -13.54 -29.26
C GLU D 83 -12.66 -12.76 -28.52
N SER D 84 -12.97 -11.55 -28.08
CA SER D 84 -12.03 -10.70 -27.36
C SER D 84 -11.77 -11.18 -25.93
N SER D 85 -12.20 -12.38 -25.55
CA SER D 85 -11.93 -12.92 -24.23
C SER D 85 -11.89 -14.44 -24.30
N THR D 86 -11.08 -14.97 -25.21
CA THR D 86 -10.83 -16.41 -25.30
C THR D 86 -9.43 -16.72 -24.78
N PHE D 87 -9.26 -17.93 -24.28
CA PHE D 87 -7.99 -18.32 -23.70
C PHE D 87 -7.41 -19.53 -24.41
N TRP D 88 -7.33 -19.46 -25.74
CA TRP D 88 -6.72 -20.52 -26.53
C TRP D 88 -5.22 -20.62 -26.23
N HIS D 89 -4.70 -21.83 -26.21
CA HIS D 89 -3.26 -22.00 -26.25
C HIS D 89 -2.73 -21.46 -27.58
N PRO D 90 -1.47 -21.01 -27.61
CA PRO D 90 -0.92 -20.53 -28.88
C PRO D 90 -0.95 -21.63 -29.94
N ARG D 91 -1.31 -21.23 -31.16
CA ARG D 91 -1.46 -22.06 -32.36
C ARG D 91 -2.74 -22.88 -32.33
N GLU D 92 -3.61 -22.70 -31.34
CA GLU D 92 -4.91 -23.37 -31.32
C GLU D 92 -6.02 -22.34 -31.45
N PRO D 93 -7.17 -22.72 -32.07
CA PRO D 93 -7.52 -24.01 -32.64
C PRO D 93 -6.66 -24.40 -33.84
N SER D 94 -6.40 -25.70 -33.97
CA SER D 94 -5.38 -26.19 -34.88
C SER D 94 -5.90 -26.96 -36.09
N ASP D 95 -7.11 -27.52 -36.01
CA ASP D 95 -7.59 -28.41 -37.06
C ASP D 95 -9.10 -28.26 -37.19
N PRO D 96 -9.61 -27.98 -38.40
CA PRO D 96 -11.07 -27.91 -38.58
C PRO D 96 -11.80 -29.17 -38.17
N ASN D 97 -11.15 -30.34 -38.18
CA ASN D 97 -11.80 -31.55 -37.71
C ASN D 97 -11.72 -31.73 -36.20
N GLU D 98 -11.00 -30.85 -35.51
CA GLU D 98 -11.08 -30.73 -34.05
C GLU D 98 -12.19 -29.72 -33.74
N ARG D 99 -13.38 -30.21 -33.40
CA ARG D 99 -14.57 -29.38 -33.28
C ARG D 99 -15.13 -29.35 -31.86
N CYS D 100 -14.32 -29.68 -30.86
CA CYS D 100 -14.77 -29.65 -29.47
C CYS D 100 -13.64 -29.16 -28.59
N VAL D 101 -13.96 -28.22 -27.70
CA VAL D 101 -12.95 -27.53 -26.90
C VAL D 101 -12.74 -28.27 -25.59
N VAL D 102 -11.47 -28.44 -25.19
CA VAL D 102 -11.12 -28.98 -23.89
C VAL D 102 -10.24 -27.97 -23.17
N LEU D 103 -10.30 -28.00 -21.84
CA LEU D 103 -9.32 -27.33 -21.01
C LEU D 103 -8.18 -28.30 -20.74
N ASN D 104 -6.97 -27.91 -21.12
CA ASN D 104 -5.80 -28.75 -20.90
C ASN D 104 -4.62 -27.88 -20.50
N PHE D 105 -3.66 -28.50 -19.82
CA PHE D 105 -2.48 -27.80 -19.30
C PHE D 105 -1.28 -28.08 -20.19
N ARG D 106 -0.61 -27.01 -20.62
CA ARG D 106 0.65 -27.11 -21.36
C ARG D 106 1.68 -26.23 -20.66
N LYS D 107 2.95 -26.45 -21.02
CA LYS D 107 4.07 -25.92 -20.26
C LYS D 107 4.89 -24.88 -21.02
N SER D 108 4.44 -24.45 -22.19
CA SER D 108 5.16 -23.41 -22.94
C SER D 108 4.24 -22.65 -23.89
N PRO D 109 3.60 -21.58 -23.40
CA PRO D 109 3.69 -21.04 -22.04
C PRO D 109 2.98 -21.91 -20.99
N LYS D 110 3.53 -21.93 -19.78
CA LYS D 110 3.07 -22.83 -18.72
C LYS D 110 1.78 -22.29 -18.13
N ARG D 111 0.65 -22.74 -18.66
CA ARG D 111 -0.65 -22.32 -18.16
C ARG D 111 -1.72 -23.26 -18.71
N TRP D 112 -2.91 -23.20 -18.11
CA TRP D 112 -4.08 -23.84 -18.67
C TRP D 112 -4.60 -23.04 -19.85
N GLY D 113 -5.51 -23.64 -20.61
CA GLY D 113 -6.10 -22.96 -21.74
C GLY D 113 -6.99 -23.88 -22.54
N TRP D 114 -7.58 -23.31 -23.58
CA TRP D 114 -8.48 -24.04 -24.44
C TRP D 114 -7.71 -24.77 -25.53
N ASN D 115 -8.24 -25.93 -25.93
CA ASN D 115 -7.69 -26.70 -27.03
C ASN D 115 -8.83 -27.41 -27.74
N ASP D 116 -8.83 -27.35 -29.07
CA ASP D 116 -9.81 -28.06 -29.87
C ASP D 116 -9.29 -29.47 -30.14
N VAL D 117 -10.11 -30.48 -29.80
CA VAL D 117 -9.74 -31.87 -30.00
C VAL D 117 -10.90 -32.57 -30.70
N ASN D 118 -10.78 -33.90 -30.86
CA ASN D 118 -11.81 -34.68 -31.52
C ASN D 118 -13.00 -34.88 -30.61
N CYS D 119 -14.20 -34.68 -31.15
CA CYS D 119 -15.44 -34.79 -30.38
C CYS D 119 -15.77 -36.24 -30.02
N LEU D 120 -15.20 -37.22 -30.73
CA LEU D 120 -15.47 -38.62 -30.45
C LEU D 120 -14.50 -39.20 -29.44
N GLY D 121 -13.21 -38.87 -29.58
CA GLY D 121 -12.21 -39.31 -28.64
C GLY D 121 -12.54 -38.88 -27.22
N PRO D 122 -12.80 -39.85 -26.34
CA PRO D 122 -13.33 -39.51 -25.02
C PRO D 122 -12.32 -38.75 -24.17
N GLN D 123 -12.82 -37.74 -23.45
CA GLN D 123 -12.08 -37.01 -22.43
C GLN D 123 -12.95 -36.90 -21.19
N ARG D 124 -12.36 -36.35 -20.13
CA ARG D 124 -13.17 -35.99 -18.98
C ARG D 124 -13.98 -34.73 -19.29
N SER D 125 -14.89 -34.37 -18.39
CA SER D 125 -15.77 -33.24 -18.64
C SER D 125 -15.93 -32.42 -17.37
N VAL D 126 -16.64 -31.31 -17.51
CA VAL D 126 -16.98 -30.41 -16.40
C VAL D 126 -18.42 -29.96 -16.59
N CYS D 127 -19.26 -30.18 -15.59
CA CYS D 127 -20.66 -29.80 -15.64
C CYS D 127 -20.91 -28.57 -14.78
N GLU D 128 -21.68 -27.63 -15.32
CA GLU D 128 -22.14 -26.45 -14.60
C GLU D 128 -23.64 -26.56 -14.35
N MET D 129 -24.06 -26.22 -13.14
CA MET D 129 -25.47 -26.34 -12.76
C MET D 129 -26.03 -25.00 -12.28
CA CA E . 20.29 17.46 8.20
CA CA F . 1.21 5.25 6.95
CA CA G . -5.31 9.14 33.27
CA CA H . 8.40 26.73 30.80
CA CA I . 4.01 -4.34 -26.83
CA CA J . -0.35 -8.21 -4.88
CA CA K . -21.13 -20.27 -16.44
CA CA L . -5.95 -29.07 -31.22
#